data_5HH6
#
_entry.id   5HH6
#
_cell.length_a   105.347
_cell.length_b   105.347
_cell.length_c   98.835
_cell.angle_alpha   90.00
_cell.angle_beta   90.00
_cell.angle_gamma   120.00
#
_symmetry.space_group_name_H-M   'P 64 2 2'
#
loop_
_entity.id
_entity.type
_entity.pdbx_description
1 polymer 'Metallo-beta-lactamase L1'
2 non-polymer 'ZINC ION'
3 non-polymer '6-[(~{S})-oxidanyl(phosphono)methyl]pyridine-2-carboxylic acid'
4 non-polymer 'SULFATE ION'
5 water water
#
_entity_poly.entity_id   1
_entity_poly.type   'polypeptide(L)'
_entity_poly.pdbx_seq_one_letter_code
;GPAEVPLPQLRAYTVDASWLQPMAPLQIADHTWQIGTEDLTALLVQTPDGAVLLDGGMPQMASHLLDNMKARGVTPRDLR
LILLSHAHADHAGPVAELKRRTGAKVAANAESAVLLARGGSDDLHFGDGITYPPANADRIVMDGEVITVGGIVFTAHFMA
GHTPGSTAWTWTDTRNGKPVRIAYADSLSAPGYQLQGNPRYPHLIEDYRRSFATVRALPCDVLLTPHPGASNWDYAAGAR
AGAKALTCKAYADAAEQKFDGQLAKETAGAR
;
_entity_poly.pdbx_strand_id   A
#
loop_
_chem_comp.id
_chem_comp.type
_chem_comp.name
_chem_comp.formula
60N non-polymer '6-[(~{S})-oxidanyl(phosphono)methyl]pyridine-2-carboxylic acid' 'C7 H8 N O6 P'
SO4 non-polymer 'SULFATE ION' 'O4 S -2'
ZN non-polymer 'ZINC ION' 'Zn 2'
#
# COMPACT_ATOMS: atom_id res chain seq x y z
N GLU A 4 -32.36 -30.40 6.55
CA GLU A 4 -32.01 -29.65 5.34
C GLU A 4 -31.20 -28.40 5.67
N VAL A 5 -30.57 -27.83 4.67
CA VAL A 5 -29.38 -27.01 4.89
C VAL A 5 -29.47 -25.60 4.31
N PRO A 6 -29.34 -24.57 5.16
CA PRO A 6 -29.36 -23.21 4.62
C PRO A 6 -28.06 -22.85 3.93
N LEU A 7 -28.13 -21.86 3.04
CA LEU A 7 -26.91 -21.30 2.47
C LEU A 7 -26.01 -20.80 3.61
N PRO A 8 -24.68 -20.84 3.41
CA PRO A 8 -23.78 -20.41 4.49
C PRO A 8 -23.93 -18.93 4.81
N GLN A 9 -23.62 -18.54 6.04
CA GLN A 9 -23.63 -17.13 6.42
C GLN A 9 -22.47 -16.45 5.71
N LEU A 10 -22.60 -15.14 5.49
CA LEU A 10 -21.47 -14.35 5.02
C LEU A 10 -20.33 -14.45 6.03
N ARG A 11 -19.10 -14.53 5.52
CA ARG A 11 -17.91 -14.61 6.37
C ARG A 11 -17.13 -13.31 6.31
N ALA A 12 -16.82 -12.76 7.47
CA ALA A 12 -16.09 -11.51 7.52
C ALA A 12 -14.63 -11.70 7.18
N TYR A 13 -14.01 -10.65 6.67
CA TYR A 13 -12.57 -10.65 6.41
C TYR A 13 -11.83 -10.42 7.73
N THR A 14 -11.30 -11.49 8.31
CA THR A 14 -10.61 -11.42 9.58
C THR A 14 -9.11 -11.55 9.36
N VAL A 15 -8.32 -10.89 10.21
CA VAL A 15 -6.88 -10.81 10.01
C VAL A 15 -6.15 -11.03 11.34
N ASP A 16 -4.85 -11.30 11.27
CA ASP A 16 -4.03 -11.43 12.48
C ASP A 16 -4.19 -10.22 13.39
N ALA A 17 -4.19 -10.46 14.70
CA ALA A 17 -4.39 -9.37 15.65
C ALA A 17 -3.39 -8.22 15.48
N SER A 18 -2.14 -8.57 15.14
CA SER A 18 -1.10 -7.54 15.04
C SER A 18 -1.40 -6.55 13.90
N TRP A 19 -2.15 -7.01 12.90
CA TRP A 19 -2.57 -6.14 11.79
C TRP A 19 -3.52 -5.04 12.26
N LEU A 20 -4.16 -5.29 13.41
CA LEU A 20 -5.15 -4.38 13.96
C LEU A 20 -4.70 -3.73 15.25
N GLN A 21 -3.42 -3.86 15.58
CA GLN A 21 -2.90 -3.31 16.83
C GLN A 21 -2.41 -1.87 16.66
N PRO A 22 -3.14 -0.89 17.24
CA PRO A 22 -2.75 0.51 17.07
C PRO A 22 -1.36 0.81 17.64
N MET A 23 -0.66 1.74 17.01
CA MET A 23 0.64 2.22 17.49
C MET A 23 0.65 3.74 17.39
N ALA A 24 1.44 4.38 18.24
CA ALA A 24 1.68 5.82 18.15
C ALA A 24 2.53 6.12 16.92
N PRO A 25 2.54 7.39 16.45
CA PRO A 25 3.32 7.68 15.25
C PRO A 25 4.81 7.38 15.41
N LEU A 26 5.39 6.73 14.40
CA LEU A 26 6.81 6.39 14.34
C LEU A 26 7.46 7.18 13.21
N GLN A 27 8.43 8.03 13.54
CA GLN A 27 9.05 8.86 12.52
C GLN A 27 10.03 8.08 11.63
N ILE A 28 9.90 8.27 10.32
CA ILE A 28 10.77 7.66 9.32
C ILE A 28 11.82 8.64 8.80
N ALA A 29 11.38 9.85 8.48
CA ALA A 29 12.28 10.93 8.08
C ALA A 29 11.67 12.26 8.53
N ASP A 30 12.26 13.40 8.16
CA ASP A 30 11.85 14.68 8.75
C ASP A 30 10.34 14.96 8.61
N HIS A 31 9.73 14.53 7.51
CA HIS A 31 8.32 14.83 7.26
C HIS A 31 7.44 13.59 7.11
N THR A 32 8.02 12.42 7.32
CA THR A 32 7.34 11.15 7.00
C THR A 32 7.19 10.29 8.24
N TRP A 33 5.96 9.87 8.53
CA TRP A 33 5.64 9.08 9.72
C TRP A 33 4.82 7.83 9.42
N GLN A 34 5.11 6.75 10.13
CA GLN A 34 4.21 5.60 10.14
C GLN A 34 3.14 5.82 11.19
N ILE A 35 1.87 5.81 10.79
CA ILE A 35 0.78 6.10 11.74
C ILE A 35 -0.31 5.03 11.74
N GLY A 36 -0.03 3.88 11.13
CA GLY A 36 -0.99 2.80 11.07
C GLY A 36 -0.94 1.89 12.29
N THR A 37 -0.91 0.59 12.03
CA THR A 37 -0.84 -0.40 13.10
C THR A 37 0.51 -1.10 13.12
N GLU A 38 0.71 -2.02 14.05
CA GLU A 38 1.99 -2.71 14.14
C GLU A 38 2.35 -3.43 12.84
N ASP A 39 1.36 -3.98 12.15
CA ASP A 39 1.67 -4.75 10.94
C ASP A 39 0.95 -4.28 9.67
N LEU A 40 0.36 -3.08 9.71
CA LEU A 40 -0.12 -2.46 8.47
C LEU A 40 0.40 -1.03 8.35
N THR A 41 1.06 -0.75 7.24
CA THR A 41 1.65 0.54 6.99
C THR A 41 0.58 1.56 6.60
N ALA A 42 0.67 2.77 7.17
CA ALA A 42 -0.08 3.92 6.70
C ALA A 42 0.81 5.13 6.93
N LEU A 43 1.30 5.71 5.84
CA LEU A 43 2.30 6.75 5.93
C LEU A 43 1.70 8.14 5.85
N LEU A 44 2.05 8.98 6.82
CA LEU A 44 1.67 10.38 6.78
C LEU A 44 2.88 11.22 6.38
N VAL A 45 2.71 12.03 5.35
CA VAL A 45 3.77 12.96 4.95
C VAL A 45 3.24 14.37 5.19
N GLN A 46 3.90 15.13 6.07
CA GLN A 46 3.45 16.46 6.48
C GLN A 46 4.24 17.55 5.79
N THR A 47 3.54 18.47 5.14
CA THR A 47 4.18 19.55 4.37
C THR A 47 3.70 20.90 4.90
N PRO A 48 4.39 22.00 4.54
CA PRO A 48 3.88 23.30 4.99
C PRO A 48 2.57 23.67 4.30
N ASP A 49 2.13 22.84 3.37
CA ASP A 49 0.97 23.11 2.54
C ASP A 49 0.01 21.92 2.58
N GLY A 50 -0.14 21.29 3.75
CA GLY A 50 -1.08 20.20 3.94
C GLY A 50 -0.42 18.83 4.03
N ALA A 51 -1.21 17.80 4.34
CA ALA A 51 -0.67 16.46 4.52
C ALA A 51 -1.13 15.47 3.47
N VAL A 52 -0.31 14.43 3.29
CA VAL A 52 -0.60 13.33 2.38
C VAL A 52 -0.63 12.03 3.18
N LEU A 53 -1.59 11.16 2.88
CA LEU A 53 -1.63 9.82 3.46
C LEU A 53 -1.40 8.79 2.37
N LEU A 54 -0.46 7.88 2.59
CA LEU A 54 -0.27 6.75 1.67
C LEU A 54 -0.72 5.49 2.37
N ASP A 55 -1.83 4.92 1.88
CA ASP A 55 -2.56 3.79 2.47
C ASP A 55 -3.23 4.13 3.82
N GLY A 56 -4.28 3.38 4.14
CA GLY A 56 -4.99 3.56 5.39
C GLY A 56 -5.17 2.28 6.18
N GLY A 57 -4.78 1.16 5.61
CA GLY A 57 -4.93 -0.12 6.30
C GLY A 57 -6.34 -0.69 6.16
N MET A 58 -6.84 -1.29 7.25
CA MET A 58 -8.16 -1.93 7.28
C MET A 58 -9.32 -0.94 7.47
N PRO A 59 -10.56 -1.36 7.15
CA PRO A 59 -11.68 -0.42 7.27
C PRO A 59 -11.87 0.15 8.68
N GLN A 60 -11.59 -0.64 9.72
CA GLN A 60 -11.88 -0.14 11.06
C GLN A 60 -10.79 0.79 11.62
N MET A 61 -9.78 1.10 10.82
CA MET A 61 -8.68 1.95 11.27
C MET A 61 -8.88 3.46 11.08
N ALA A 62 -10.00 3.89 10.49
CA ALA A 62 -10.19 5.33 10.20
C ALA A 62 -10.00 6.25 11.41
N SER A 63 -10.68 5.94 12.52
CA SER A 63 -10.62 6.83 13.68
C SER A 63 -9.23 6.86 14.29
N HIS A 64 -8.55 5.70 14.29
CA HIS A 64 -7.19 5.65 14.80
C HIS A 64 -6.26 6.53 13.96
N LEU A 65 -6.40 6.45 12.64
CA LEU A 65 -5.62 7.30 11.74
C LEU A 65 -5.84 8.78 12.03
N LEU A 66 -7.10 9.16 12.21
CA LEU A 66 -7.44 10.55 12.54
C LEU A 66 -6.85 10.97 13.89
N ASP A 67 -6.85 10.08 14.88
CA ASP A 67 -6.18 10.35 16.16
C ASP A 67 -4.69 10.62 16.01
N ASN A 68 -4.00 9.80 15.23
CA ASN A 68 -2.57 9.98 15.04
C ASN A 68 -2.27 11.23 14.23
N MET A 69 -3.11 11.55 13.25
CA MET A 69 -2.94 12.80 12.52
C MET A 69 -3.03 14.00 13.46
N LYS A 70 -4.04 13.96 14.32
CA LYS A 70 -4.25 14.99 15.34
C LYS A 70 -3.01 15.14 16.23
N ALA A 71 -2.44 14.02 16.64
CA ALA A 71 -1.24 14.01 17.48
C ALA A 71 -0.06 14.66 16.76
N ARG A 72 -0.06 14.58 15.44
CA ARG A 72 1.00 15.15 14.61
C ARG A 72 0.73 16.61 14.24
N GLY A 73 -0.43 17.11 14.60
CA GLY A 73 -0.79 18.49 14.30
C GLY A 73 -1.59 18.64 13.01
N VAL A 74 -2.09 17.52 12.49
CA VAL A 74 -2.90 17.51 11.26
C VAL A 74 -4.37 17.35 11.57
N THR A 75 -5.16 18.41 11.33
CA THR A 75 -6.60 18.34 11.51
C THR A 75 -7.22 17.71 10.25
N PRO A 76 -8.48 17.26 10.35
CA PRO A 76 -9.16 16.70 9.16
C PRO A 76 -9.09 17.60 7.93
N ARG A 77 -9.17 18.91 8.12
CA ARG A 77 -9.15 19.82 6.98
C ARG A 77 -7.77 19.87 6.34
N ASP A 78 -6.73 19.55 7.10
CA ASP A 78 -5.35 19.61 6.62
C ASP A 78 -4.96 18.42 5.72
N LEU A 79 -5.70 17.33 5.79
CA LEU A 79 -5.39 16.18 4.95
C LEU A 79 -5.86 16.44 3.52
N ARG A 80 -4.90 16.55 2.60
CA ARG A 80 -5.20 16.97 1.22
C ARG A 80 -5.35 15.83 0.23
N LEU A 81 -4.56 14.77 0.45
CA LEU A 81 -4.38 13.76 -0.59
C LEU A 81 -4.21 12.38 0.02
N ILE A 82 -4.92 11.40 -0.54
CA ILE A 82 -4.69 10.00 -0.23
C ILE A 82 -4.13 9.31 -1.47
N LEU A 83 -3.03 8.58 -1.29
CA LEU A 83 -2.45 7.73 -2.32
C LEU A 83 -2.51 6.28 -1.87
N LEU A 84 -2.47 5.35 -2.81
CA LEU A 84 -2.61 3.93 -2.46
C LEU A 84 -1.55 3.04 -3.09
N SER A 85 -1.13 2.00 -2.35
CA SER A 85 -0.30 0.96 -2.94
C SER A 85 -1.15 0.09 -3.86
N HIS A 86 -2.16 -0.56 -3.28
CA HIS A 86 -3.19 -1.22 -4.08
C HIS A 86 -4.54 -1.25 -3.37
N ALA A 87 -5.62 -1.40 -4.14
CA ALA A 87 -6.97 -1.21 -3.61
C ALA A 87 -7.58 -2.50 -3.07
N HIS A 88 -6.86 -3.17 -2.18
CA HIS A 88 -7.43 -4.27 -1.40
C HIS A 88 -7.89 -3.77 -0.02
N ALA A 89 -8.75 -4.55 0.63
CA ALA A 89 -9.39 -4.13 1.88
C ALA A 89 -8.43 -3.79 3.01
N ASP A 90 -7.27 -4.42 3.02
CA ASP A 90 -6.35 -4.16 4.14
C ASP A 90 -5.37 -3.03 3.85
N HIS A 91 -5.56 -2.31 2.76
CA HIS A 91 -4.77 -1.10 2.52
C HIS A 91 -5.63 0.11 2.18
N ALA A 92 -6.73 -0.12 1.47
CA ALA A 92 -7.66 0.94 1.09
C ALA A 92 -8.93 0.93 1.94
N GLY A 93 -8.99 0.05 2.92
CA GLY A 93 -10.17 -0.14 3.75
C GLY A 93 -10.94 1.09 4.18
N PRO A 94 -10.26 2.08 4.81
CA PRO A 94 -10.99 3.21 5.38
C PRO A 94 -11.08 4.43 4.47
N VAL A 95 -10.72 4.28 3.20
CA VAL A 95 -10.64 5.43 2.31
C VAL A 95 -11.97 6.18 2.16
N ALA A 96 -13.07 5.45 1.96
CA ALA A 96 -14.37 6.11 1.82
C ALA A 96 -14.70 6.94 3.05
N GLU A 97 -14.49 6.37 4.24
CA GLU A 97 -14.77 7.06 5.47
C GLU A 97 -13.84 8.26 5.69
N LEU A 98 -12.55 8.09 5.37
CA LEU A 98 -11.63 9.22 5.46
C LEU A 98 -12.04 10.37 4.54
N LYS A 99 -12.56 10.06 3.34
CA LYS A 99 -12.98 11.13 2.43
C LYS A 99 -14.16 11.89 3.02
N ARG A 100 -15.06 11.17 3.69
CA ARG A 100 -16.24 11.80 4.30
C ARG A 100 -15.87 12.68 5.48
N ARG A 101 -14.81 12.30 6.21
CA ARG A 101 -14.49 12.96 7.48
C ARG A 101 -13.34 13.97 7.37
N THR A 102 -12.72 14.07 6.20
CA THR A 102 -11.59 14.98 5.98
C THR A 102 -11.70 15.74 4.67
N GLY A 103 -10.72 16.61 4.43
CA GLY A 103 -10.65 17.30 3.16
C GLY A 103 -10.01 16.51 2.03
N ALA A 104 -9.70 15.24 2.29
CA ALA A 104 -8.82 14.49 1.40
C ALA A 104 -9.45 14.08 0.06
N LYS A 105 -8.65 14.19 -0.99
CA LYS A 105 -9.01 13.66 -2.29
C LYS A 105 -8.08 12.51 -2.65
N VAL A 106 -8.60 11.56 -3.43
CA VAL A 106 -7.84 10.36 -3.80
C VAL A 106 -7.24 10.48 -5.21
N ALA A 107 -5.95 10.15 -5.34
CA ALA A 107 -5.33 10.03 -6.65
C ALA A 107 -4.91 8.59 -6.86
N ALA A 108 -5.26 8.00 -8.01
CA ALA A 108 -4.92 6.60 -8.26
C ALA A 108 -4.89 6.32 -9.75
N ASN A 109 -4.27 5.21 -10.16
CA ASN A 109 -4.33 4.87 -11.58
C ASN A 109 -5.68 4.26 -11.92
N ALA A 110 -5.95 4.11 -13.21
CA ALA A 110 -7.25 3.64 -13.66
C ALA A 110 -7.62 2.28 -13.07
N GLU A 111 -6.67 1.35 -13.04
CA GLU A 111 -6.98 0.03 -12.52
C GLU A 111 -7.35 0.11 -11.04
N SER A 112 -6.57 0.85 -10.26
CA SER A 112 -6.86 0.96 -8.83
C SER A 112 -8.19 1.71 -8.64
N ALA A 113 -8.46 2.73 -9.45
CA ALA A 113 -9.72 3.47 -9.33
C ALA A 113 -10.94 2.60 -9.56
N VAL A 114 -10.90 1.71 -10.57
CA VAL A 114 -12.10 0.91 -10.83
C VAL A 114 -12.30 -0.13 -9.73
N LEU A 115 -11.22 -0.67 -9.19
CA LEU A 115 -11.34 -1.65 -8.10
C LEU A 115 -11.83 -0.94 -6.82
N LEU A 116 -11.30 0.25 -6.56
CA LEU A 116 -11.75 1.05 -5.43
C LEU A 116 -13.24 1.37 -5.51
N ALA A 117 -13.71 1.73 -6.71
CA ALA A 117 -15.12 2.07 -6.91
C ALA A 117 -16.06 0.88 -6.76
N ARG A 118 -15.53 -0.34 -6.89
CA ARG A 118 -16.28 -1.58 -6.66
C ARG A 118 -16.16 -2.06 -5.21
N GLY A 119 -15.43 -1.32 -4.38
CA GLY A 119 -15.15 -1.77 -3.02
C GLY A 119 -14.43 -3.13 -2.96
N GLY A 120 -13.58 -3.39 -3.95
CA GLY A 120 -12.80 -4.62 -3.98
C GLY A 120 -13.60 -5.85 -4.41
N SER A 121 -14.85 -5.66 -4.79
CA SER A 121 -15.69 -6.77 -5.26
C SER A 121 -15.25 -7.19 -6.66
N ASP A 122 -15.67 -8.38 -7.05
CA ASP A 122 -15.28 -9.00 -8.34
C ASP A 122 -13.77 -8.94 -8.54
N ASP A 123 -13.03 -9.29 -7.50
CA ASP A 123 -11.59 -9.33 -7.55
C ASP A 123 -11.14 -10.43 -8.53
N LEU A 124 -10.03 -10.23 -9.23
CA LEU A 124 -9.60 -11.20 -10.24
C LEU A 124 -9.33 -12.56 -9.61
N HIS A 125 -8.93 -12.56 -8.34
CA HIS A 125 -8.55 -13.81 -7.67
C HIS A 125 -9.43 -14.18 -6.46
N PHE A 126 -9.93 -13.17 -5.75
CA PHE A 126 -10.68 -13.37 -4.49
C PHE A 126 -12.20 -13.34 -4.65
N GLY A 127 -12.69 -13.02 -5.85
CA GLY A 127 -14.13 -12.87 -6.04
C GLY A 127 -14.71 -11.76 -5.17
N ASP A 128 -15.74 -12.09 -4.39
CA ASP A 128 -16.36 -11.14 -3.46
C ASP A 128 -15.98 -11.43 -2.02
N GLY A 129 -14.87 -12.14 -1.82
CA GLY A 129 -14.50 -12.59 -0.49
C GLY A 129 -13.90 -11.53 0.40
N ILE A 130 -13.31 -10.50 -0.21
CA ILE A 130 -12.65 -9.46 0.55
C ILE A 130 -13.09 -8.10 -0.01
N THR A 131 -14.18 -7.58 0.53
CA THR A 131 -14.76 -6.31 0.07
C THR A 131 -14.68 -5.24 1.16
N TYR A 132 -14.97 -3.99 0.78
CA TYR A 132 -14.86 -2.88 1.71
C TYR A 132 -15.68 -1.72 1.13
N PRO A 133 -15.91 -0.64 1.91
CA PRO A 133 -16.74 0.45 1.37
C PRO A 133 -16.13 1.09 0.11
N PRO A 134 -16.92 1.18 -0.96
CA PRO A 134 -16.36 1.74 -2.19
C PRO A 134 -16.08 3.23 -2.07
N ALA A 135 -15.12 3.71 -2.86
CA ALA A 135 -14.81 5.15 -2.90
C ALA A 135 -14.44 5.53 -4.32
N ASN A 136 -14.62 6.80 -4.65
CA ASN A 136 -14.29 7.31 -5.97
C ASN A 136 -12.95 8.00 -5.95
N ALA A 137 -12.19 7.85 -7.05
CA ALA A 137 -10.95 8.60 -7.22
C ALA A 137 -11.23 9.99 -7.78
N ASP A 138 -10.49 10.99 -7.28
CA ASP A 138 -10.67 12.37 -7.73
C ASP A 138 -9.72 12.73 -8.86
N ARG A 139 -8.65 11.97 -8.98
CA ARG A 139 -7.64 12.22 -9.99
C ARG A 139 -7.08 10.89 -10.49
N ILE A 140 -6.98 10.74 -11.80
CA ILE A 140 -6.38 9.52 -12.37
C ILE A 140 -4.93 9.82 -12.76
N VAL A 141 -3.99 8.98 -12.31
CA VAL A 141 -2.60 9.17 -12.67
C VAL A 141 -2.07 8.11 -13.63
N MET A 142 -1.08 8.53 -14.42
CA MET A 142 -0.44 7.68 -15.41
C MET A 142 0.92 7.27 -14.89
N ASP A 143 1.53 6.25 -15.50
CA ASP A 143 2.82 5.75 -15.02
C ASP A 143 3.87 6.84 -15.14
N GLY A 144 4.60 7.08 -14.05
CA GLY A 144 5.66 8.07 -14.03
C GLY A 144 5.20 9.50 -13.76
N GLU A 145 3.89 9.68 -13.59
CA GLU A 145 3.33 11.00 -13.31
C GLU A 145 3.69 11.46 -11.90
N VAL A 146 3.88 12.76 -11.72
CA VAL A 146 4.19 13.30 -10.40
C VAL A 146 3.02 14.07 -9.82
N ILE A 147 2.95 14.05 -8.49
CA ILE A 147 2.01 14.88 -7.76
C ILE A 147 2.80 15.62 -6.72
N THR A 148 2.57 16.92 -6.62
CA THR A 148 3.33 17.77 -5.69
C THR A 148 2.45 18.36 -4.61
N VAL A 149 2.85 18.18 -3.35
CA VAL A 149 2.13 18.77 -2.23
C VAL A 149 3.14 19.44 -1.32
N GLY A 150 2.95 20.74 -1.08
CA GLY A 150 3.84 21.50 -0.21
C GLY A 150 5.31 21.32 -0.53
N GLY A 151 5.59 21.09 -1.81
CA GLY A 151 6.96 20.93 -2.26
C GLY A 151 7.56 19.54 -2.15
N ILE A 152 6.80 18.58 -1.62
CA ILE A 152 7.25 17.19 -1.66
C ILE A 152 6.69 16.59 -2.95
N VAL A 153 7.57 15.99 -3.74
CA VAL A 153 7.20 15.45 -5.05
C VAL A 153 7.05 13.94 -5.02
N PHE A 154 5.84 13.47 -5.29
CA PHE A 154 5.58 12.03 -5.31
C PHE A 154 5.50 11.50 -6.73
N THR A 155 6.26 10.45 -7.03
CA THR A 155 6.24 9.87 -8.38
C THR A 155 5.63 8.48 -8.34
N ALA A 156 4.70 8.23 -9.26
CA ALA A 156 4.08 6.92 -9.42
C ALA A 156 4.91 5.99 -10.30
N HIS A 157 5.15 4.76 -9.83
CA HIS A 157 5.81 3.73 -10.64
C HIS A 157 4.89 2.52 -10.69
N PHE A 158 4.27 2.24 -11.83
CA PHE A 158 3.35 1.12 -11.88
C PHE A 158 4.12 -0.17 -11.73
N MET A 159 3.57 -1.10 -10.96
CA MET A 159 4.17 -2.42 -10.76
C MET A 159 3.07 -3.47 -10.67
N ALA A 160 2.33 -3.61 -11.77
CA ALA A 160 1.21 -4.54 -11.87
C ALA A 160 1.58 -5.97 -11.51
N GLY A 161 0.66 -6.66 -10.85
CA GLY A 161 0.86 -8.07 -10.56
C GLY A 161 -0.04 -8.49 -9.41
N HIS A 162 0.34 -8.08 -8.21
CA HIS A 162 -0.48 -8.38 -7.04
C HIS A 162 -1.93 -7.91 -7.28
N THR A 163 -2.07 -6.71 -7.82
CA THR A 163 -3.29 -6.27 -8.48
C THR A 163 -2.87 -5.62 -9.79
N PRO A 164 -3.78 -5.52 -10.76
CA PRO A 164 -3.42 -4.83 -12.01
C PRO A 164 -2.96 -3.40 -11.77
N GLY A 165 -3.47 -2.78 -10.71
CA GLY A 165 -3.19 -1.37 -10.44
C GLY A 165 -2.11 -1.11 -9.41
N SER A 166 -1.41 -2.16 -9.00
CA SER A 166 -0.35 -2.02 -8.00
C SER A 166 0.67 -0.95 -8.39
N THR A 167 0.98 -0.08 -7.43
CA THR A 167 1.83 1.10 -7.65
C THR A 167 2.91 1.24 -6.56
N ALA A 168 4.12 1.61 -6.95
CA ALA A 168 5.12 2.08 -6.00
C ALA A 168 5.11 3.60 -6.02
N TRP A 169 5.21 4.22 -4.83
CA TRP A 169 5.29 5.67 -4.74
C TRP A 169 6.66 6.07 -4.20
N THR A 170 7.33 7.02 -4.85
CA THR A 170 8.63 7.47 -4.38
C THR A 170 8.67 8.98 -4.12
N TRP A 171 9.44 9.37 -3.11
CA TRP A 171 9.63 10.79 -2.83
C TRP A 171 10.91 10.99 -2.06
N THR A 172 11.38 12.24 -2.02
CA THR A 172 12.64 12.55 -1.32
C THR A 172 12.35 13.43 -0.12
N ASP A 173 12.72 12.93 1.05
CA ASP A 173 12.58 13.62 2.32
C ASP A 173 13.98 13.98 2.79
N THR A 174 14.11 14.46 4.02
CA THR A 174 15.43 14.73 4.57
C THR A 174 15.61 14.06 5.91
N ARG A 175 16.87 13.88 6.29
CA ARG A 175 17.22 13.40 7.62
C ARG A 175 18.68 13.81 7.86
N ASN A 176 18.94 14.45 9.00
CA ASN A 176 20.26 14.97 9.33
C ASN A 176 20.85 15.89 8.25
N GLY A 177 19.99 16.67 7.61
CA GLY A 177 20.44 17.62 6.60
C GLY A 177 20.74 17.00 5.24
N LYS A 178 20.57 15.70 5.13
CA LYS A 178 20.82 14.98 3.88
C LYS A 178 19.54 14.43 3.25
N PRO A 179 19.47 14.40 1.92
CA PRO A 179 18.28 13.85 1.27
C PRO A 179 18.11 12.36 1.57
N VAL A 180 16.85 11.92 1.70
CA VAL A 180 16.55 10.50 1.84
C VAL A 180 15.50 10.14 0.81
N ARG A 181 15.88 9.30 -0.14
CA ARG A 181 14.97 8.86 -1.20
C ARG A 181 14.18 7.66 -0.71
N ILE A 182 12.90 7.90 -0.44
CA ILE A 182 12.00 6.89 0.13
C ILE A 182 11.24 6.19 -0.97
N ALA A 183 11.21 4.86 -0.93
CA ALA A 183 10.42 4.08 -1.89
C ALA A 183 9.39 3.29 -1.14
N TYR A 184 8.11 3.59 -1.37
CA TYR A 184 7.02 2.81 -0.80
C TYR A 184 6.55 1.84 -1.88
N ALA A 185 7.11 0.63 -1.85
CA ALA A 185 6.86 -0.36 -2.91
C ALA A 185 5.72 -1.29 -2.53
N ASP A 186 4.87 -1.62 -3.49
CA ASP A 186 3.71 -2.44 -3.21
C ASP A 186 4.11 -3.89 -2.99
N SER A 187 3.14 -4.68 -2.54
N SER A 187 3.13 -4.69 -2.54
CA SER A 187 3.27 -6.13 -2.42
CA SER A 187 3.30 -6.13 -2.42
C SER A 187 3.66 -6.78 -3.75
C SER A 187 3.67 -6.77 -3.74
N LEU A 188 4.52 -7.79 -3.67
CA LEU A 188 4.87 -8.58 -4.85
C LEU A 188 4.45 -10.03 -4.66
N SER A 189 3.54 -10.26 -3.73
CA SER A 189 3.02 -11.60 -3.43
C SER A 189 1.92 -12.00 -4.40
N ALA A 190 1.63 -13.30 -4.44
CA ALA A 190 0.53 -13.81 -5.25
C ALA A 190 -0.22 -14.89 -4.48
N PRO A 191 -0.86 -14.52 -3.35
CA PRO A 191 -1.39 -15.49 -2.38
C PRO A 191 -2.54 -16.33 -2.91
N GLY A 192 -2.26 -17.59 -3.25
CA GLY A 192 -3.27 -18.50 -3.75
C GLY A 192 -3.69 -18.24 -5.19
N TYR A 193 -2.94 -17.38 -5.89
CA TYR A 193 -3.28 -17.04 -7.27
C TYR A 193 -3.00 -18.16 -8.25
N GLN A 194 -3.87 -18.32 -9.24
CA GLN A 194 -3.52 -19.11 -10.42
C GLN A 194 -2.64 -18.24 -11.30
N LEU A 195 -1.39 -18.63 -11.48
CA LEU A 195 -0.42 -17.79 -12.19
C LEU A 195 -0.44 -18.03 -13.68
N GLN A 196 -0.43 -19.30 -14.07
CA GLN A 196 -0.35 -19.67 -15.48
C GLN A 196 -1.71 -19.89 -16.11
N GLY A 197 -1.91 -19.31 -17.29
CA GLY A 197 -3.13 -19.53 -18.05
C GLY A 197 -4.38 -19.04 -17.35
N ASN A 198 -4.25 -17.96 -16.59
CA ASN A 198 -5.37 -17.39 -15.86
C ASN A 198 -6.23 -16.57 -16.83
N PRO A 199 -7.49 -17.00 -17.05
CA PRO A 199 -8.34 -16.30 -18.04
C PRO A 199 -8.67 -14.86 -17.66
N ARG A 200 -8.68 -14.55 -16.37
CA ARG A 200 -8.94 -13.19 -15.91
C ARG A 200 -7.69 -12.30 -15.96
N TYR A 201 -6.51 -12.91 -16.08
CA TYR A 201 -5.24 -12.16 -16.10
C TYR A 201 -4.21 -12.90 -16.97
N PRO A 202 -4.39 -12.87 -18.29
CA PRO A 202 -3.58 -13.70 -19.19
C PRO A 202 -2.09 -13.35 -19.20
N HIS A 203 -1.72 -12.09 -18.97
CA HIS A 203 -0.31 -11.70 -18.96
C HIS A 203 0.25 -11.53 -17.54
N LEU A 204 -0.33 -12.25 -16.58
CA LEU A 204 0.04 -12.09 -15.18
C LEU A 204 1.54 -12.29 -14.96
N ILE A 205 2.10 -13.35 -15.53
CA ILE A 205 3.51 -13.67 -15.27
C ILE A 205 4.42 -12.62 -15.88
N GLU A 206 4.12 -12.20 -17.10
CA GLU A 206 4.89 -11.13 -17.76
C GLU A 206 4.85 -9.83 -16.93
N ASP A 207 3.69 -9.50 -16.38
CA ASP A 207 3.57 -8.31 -15.54
C ASP A 207 4.37 -8.42 -14.24
N TYR A 208 4.29 -9.56 -13.54
CA TYR A 208 5.14 -9.73 -12.37
C TYR A 208 6.63 -9.61 -12.71
N ARG A 209 7.08 -10.24 -13.79
CA ARG A 209 8.50 -10.15 -14.16
C ARG A 209 8.95 -8.69 -14.39
N ARG A 210 8.14 -7.93 -15.10
CA ARG A 210 8.45 -6.53 -15.33
C ARG A 210 8.48 -5.76 -14.01
N SER A 211 7.56 -6.12 -13.10
CA SER A 211 7.48 -5.40 -11.83
C SER A 211 8.68 -5.69 -10.91
N PHE A 212 9.23 -6.91 -10.97
CA PHE A 212 10.47 -7.17 -10.23
C PHE A 212 11.58 -6.22 -10.70
N ALA A 213 11.65 -6.01 -12.01
CA ALA A 213 12.67 -5.15 -12.59
C ALA A 213 12.44 -3.70 -12.18
N THR A 214 11.17 -3.30 -12.17
CA THR A 214 10.81 -1.93 -11.80
C THR A 214 11.21 -1.64 -10.36
N VAL A 215 10.86 -2.56 -9.47
CA VAL A 215 11.17 -2.38 -8.05
C VAL A 215 12.69 -2.36 -7.80
N ARG A 216 13.42 -3.23 -8.49
CA ARG A 216 14.88 -3.33 -8.37
C ARG A 216 15.55 -1.99 -8.67
N ALA A 217 14.96 -1.25 -9.60
CA ALA A 217 15.59 -0.03 -10.11
C ALA A 217 15.11 1.27 -9.45
N LEU A 218 14.20 1.19 -8.47
CA LEU A 218 13.66 2.41 -7.84
C LEU A 218 14.74 3.22 -7.12
N PRO A 219 14.60 4.56 -7.12
CA PRO A 219 15.42 5.38 -6.22
C PRO A 219 15.06 5.01 -4.79
N CYS A 220 16.03 4.54 -4.00
CA CYS A 220 15.68 3.76 -2.82
C CYS A 220 16.74 3.74 -1.71
N ASP A 221 16.92 4.87 -1.03
CA ASP A 221 17.71 4.89 0.20
C ASP A 221 17.02 4.14 1.32
N VAL A 222 15.69 4.25 1.37
CA VAL A 222 14.90 3.55 2.38
C VAL A 222 13.67 2.93 1.73
N LEU A 223 13.51 1.63 1.90
CA LEU A 223 12.36 0.89 1.40
C LEU A 223 11.32 0.71 2.49
N LEU A 224 10.06 1.00 2.17
CA LEU A 224 8.90 0.64 3.01
C LEU A 224 7.89 -0.16 2.19
N THR A 225 7.14 -1.05 2.85
CA THR A 225 6.14 -1.89 2.18
C THR A 225 4.83 -1.91 2.98
N PRO A 226 3.69 -2.20 2.30
CA PRO A 226 2.39 -2.17 2.97
C PRO A 226 2.31 -3.14 4.15
N HIS A 227 2.90 -4.33 4.02
CA HIS A 227 3.18 -5.15 5.21
C HIS A 227 4.65 -4.96 5.58
N PRO A 228 4.93 -4.39 6.75
CA PRO A 228 6.33 -4.08 7.12
C PRO A 228 7.24 -5.29 7.11
N GLY A 229 6.71 -6.46 7.47
CA GLY A 229 7.49 -7.68 7.47
C GLY A 229 8.11 -8.02 6.11
N ALA A 230 7.45 -7.62 5.03
CA ALA A 230 7.93 -7.93 3.69
C ALA A 230 9.26 -7.23 3.39
N SER A 231 9.52 -6.09 4.03
CA SER A 231 10.77 -5.38 3.84
C SER A 231 11.63 -5.42 5.09
N ASN A 232 11.26 -6.31 6.01
CA ASN A 232 12.00 -6.53 7.27
C ASN A 232 12.00 -5.33 8.21
N TRP A 233 10.95 -4.52 8.12
CA TRP A 233 10.69 -3.49 9.13
C TRP A 233 10.04 -4.14 10.35
N ASP A 234 10.32 -3.59 11.53
CA ASP A 234 9.64 -3.97 12.76
C ASP A 234 9.14 -2.71 13.47
N TYR A 235 7.88 -2.35 13.26
CA TYR A 235 7.38 -1.07 13.76
C TYR A 235 7.34 -1.00 15.29
N ALA A 236 7.43 -2.14 15.96
CA ALA A 236 7.42 -2.14 17.42
C ALA A 236 8.83 -2.02 18.01
N ALA A 237 9.84 -1.95 17.14
CA ALA A 237 11.23 -2.03 17.61
C ALA A 237 11.86 -0.66 17.87
N GLY A 238 11.02 0.37 17.93
CA GLY A 238 11.46 1.72 18.29
C GLY A 238 12.57 2.30 17.45
N ALA A 239 13.70 2.59 18.09
CA ALA A 239 14.83 3.26 17.43
C ALA A 239 15.49 2.38 16.38
N ARG A 240 15.23 1.07 16.46
CA ARG A 240 15.79 0.14 15.50
C ARG A 240 14.72 -0.43 14.57
N ALA A 241 13.57 0.23 14.49
CA ALA A 241 12.45 -0.24 13.65
C ALA A 241 12.88 -0.56 12.22
N GLY A 242 13.70 0.31 11.63
CA GLY A 242 14.10 0.13 10.25
C GLY A 242 15.50 -0.40 10.06
N ALA A 243 16.17 -0.79 11.15
CA ALA A 243 17.56 -1.19 11.07
C ALA A 243 17.80 -2.35 10.09
N LYS A 244 16.92 -3.35 10.10
CA LYS A 244 17.10 -4.56 9.28
C LYS A 244 16.44 -4.49 7.92
N ALA A 245 15.90 -3.33 7.57
CA ALA A 245 15.16 -3.20 6.30
C ALA A 245 15.97 -3.61 5.07
N LEU A 246 15.30 -4.31 4.16
CA LEU A 246 15.86 -4.69 2.88
C LEU A 246 16.06 -3.48 1.98
N THR A 247 17.03 -3.59 1.07
CA THR A 247 17.08 -2.69 -0.08
C THR A 247 15.96 -3.03 -1.04
N CYS A 248 15.65 -2.13 -1.97
CA CYS A 248 14.69 -2.46 -3.03
C CYS A 248 15.19 -3.65 -3.88
N LYS A 249 16.51 -3.73 -4.10
CA LYS A 249 17.08 -4.82 -4.88
C LYS A 249 16.83 -6.17 -4.22
N ALA A 250 17.06 -6.23 -2.91
CA ALA A 250 16.90 -7.48 -2.18
C ALA A 250 15.43 -7.87 -2.05
N TYR A 251 14.57 -6.87 -1.90
CA TYR A 251 13.13 -7.13 -1.81
C TYR A 251 12.65 -7.73 -3.13
N ALA A 252 13.09 -7.16 -4.24
CA ALA A 252 12.67 -7.66 -5.56
C ALA A 252 13.24 -9.04 -5.82
N ASP A 253 14.49 -9.27 -5.42
CA ASP A 253 15.11 -10.57 -5.65
C ASP A 253 14.40 -11.66 -4.84
N ALA A 254 14.06 -11.34 -3.60
CA ALA A 254 13.37 -12.30 -2.73
C ALA A 254 12.00 -12.63 -3.32
N ALA A 255 11.31 -11.60 -3.81
CA ALA A 255 9.98 -11.78 -4.35
C ALA A 255 10.02 -12.64 -5.60
N GLU A 256 11.04 -12.44 -6.44
CA GLU A 256 11.15 -13.20 -7.67
C GLU A 256 11.48 -14.67 -7.41
N GLN A 257 12.36 -14.91 -6.44
CA GLN A 257 12.70 -16.28 -6.04
C GLN A 257 11.47 -17.00 -5.50
N LYS A 258 10.72 -16.33 -4.64
CA LYS A 258 9.46 -16.86 -4.12
C LYS A 258 8.48 -17.19 -5.26
N PHE A 259 8.33 -16.24 -6.16
CA PHE A 259 7.44 -16.36 -7.31
C PHE A 259 7.83 -17.55 -8.20
N ASP A 260 9.13 -17.69 -8.50
CA ASP A 260 9.61 -18.82 -9.29
C ASP A 260 9.28 -20.16 -8.62
N GLY A 261 9.39 -20.20 -7.29
CA GLY A 261 9.06 -21.40 -6.55
C GLY A 261 7.57 -21.69 -6.62
N GLN A 262 6.75 -20.64 -6.58
CA GLN A 262 5.30 -20.82 -6.63
C GLN A 262 4.90 -21.34 -8.00
N LEU A 263 5.55 -20.83 -9.04
CA LEU A 263 5.29 -21.29 -10.40
C LEU A 263 5.60 -22.77 -10.56
N ALA A 264 6.73 -23.20 -10.00
CA ALA A 264 7.15 -24.61 -10.07
C ALA A 264 6.16 -25.49 -9.33
N LYS A 265 5.68 -25.00 -8.20
CA LYS A 265 4.72 -25.77 -7.39
C LYS A 265 3.39 -25.87 -8.13
N GLU A 266 3.00 -24.80 -8.81
CA GLU A 266 1.73 -24.79 -9.53
C GLU A 266 1.77 -25.81 -10.67
N THR A 267 2.89 -25.84 -11.37
CA THR A 267 3.12 -26.83 -12.42
C THR A 267 3.04 -28.26 -11.86
N ALA A 268 3.58 -28.46 -10.66
CA ALA A 268 3.52 -29.78 -10.04
C ALA A 268 2.13 -30.07 -9.48
N GLY A 269 1.53 -29.08 -8.83
CA GLY A 269 0.27 -29.25 -8.14
C GLY A 269 -0.92 -28.97 -9.02
ZN ZN B . -3.48 -7.28 -1.61
C10 60N C . 2.13 -10.06 2.90
C11 60N C . 2.20 -9.47 1.61
C12 60N C . 3.64 -8.98 1.09
O01 60N C . -2.11 -10.66 0.56
C02 60N C . -1.25 -9.61 0.46
P03 60N C . -2.16 -7.96 0.99
O04 60N C . -2.52 -8.22 2.44
O05 60N C . -3.36 -7.91 0.08
O06 60N C . -1.11 -6.91 0.77
C07 60N C . -0.07 -9.79 1.31
C08 60N C . -0.24 -10.36 2.59
C09 60N C . 0.89 -10.51 3.42
O13 60N C . 4.57 -9.53 1.58
O14 60N C . 3.75 -8.21 0.20
N15 60N C . 1.12 -9.37 0.87
S SO4 D . 0.82 18.54 -9.61
O1 SO4 D . 0.05 17.99 -8.50
O2 SO4 D . 0.57 19.98 -9.68
O3 SO4 D . 2.25 18.32 -9.38
O4 SO4 D . 0.43 17.90 -10.86
S SO4 E . 7.78 17.72 14.84
O1 SO4 E . 6.79 17.90 13.78
O2 SO4 E . 7.10 17.61 16.13
O3 SO4 E . 8.69 18.86 14.87
O4 SO4 E . 8.55 16.50 14.57
#